data_1UCD
#
_entry.id   1UCD
#
_cell.length_a   39.18
_cell.length_b   63.48
_cell.length_c   73.74
_cell.angle_alpha   90
_cell.angle_beta   90
_cell.angle_gamma   90
#
_symmetry.space_group_name_H-M   'P 21 21 21'
#
loop_
_entity.id
_entity.type
_entity.pdbx_description
1 polymer 'Ribonuclease MC'
2 non-polymer "URIDINE-5'-MONOPHOSPHATE"
3 non-polymer URACIL
4 water water
#
_entity_poly.entity_id   1
_entity_poly.type   'polypeptide(L)'
_entity_poly.pdbx_seq_one_letter_code
;FDSFWFVQQWPPAVCSFQKSGSCPGSGLRTFTIHGLWPQQSGTSLTNCPGSPFDITKISHLQSQLNTLWPNVLRANNQQF
WSHEWTKHGTCSESTFNQAAYFKLAVDMRNNYDIIGALRPHAAGPNGRTKSRQAIKGFLKAKFGKFPGLRCRTDPQTKVS
YLVQVVACFAQDGSTLIDCTRDTCGANFIF
;
_entity_poly.pdbx_strand_id   A
#
# COMPACT_ATOMS: atom_id res chain seq x y z
N PHE A 1 7.96 -12.23 -12.65
CA PHE A 1 6.94 -12.06 -11.58
C PHE A 1 5.59 -12.58 -12.08
N ASP A 2 4.74 -13.03 -11.17
CA ASP A 2 3.44 -13.57 -11.57
C ASP A 2 2.25 -12.83 -10.97
N SER A 3 2.52 -11.89 -10.07
CA SER A 3 1.44 -11.11 -9.47
C SER A 3 2.03 -9.89 -8.79
N PHE A 4 1.14 -9.02 -8.31
CA PHE A 4 1.52 -7.80 -7.63
C PHE A 4 0.77 -7.65 -6.33
N TRP A 5 1.44 -7.03 -5.38
CA TRP A 5 0.82 -6.66 -4.12
C TRP A 5 0.81 -5.15 -4.20
N PHE A 6 -0.37 -4.57 -4.33
CA PHE A 6 -0.48 -3.12 -4.37
C PHE A 6 -0.74 -2.77 -2.92
N VAL A 7 0.29 -2.24 -2.27
CA VAL A 7 0.23 -1.94 -0.86
C VAL A 7 -0.03 -0.50 -0.52
N GLN A 8 -1.16 -0.26 0.14
CA GLN A 8 -1.51 1.07 0.58
C GLN A 8 -1.31 1.12 2.07
N GLN A 9 -0.96 2.29 2.58
CA GLN A 9 -0.75 2.43 4.01
C GLN A 9 -1.65 3.52 4.55
N TRP A 10 -2.00 3.38 5.84
CA TRP A 10 -2.82 4.37 6.52
C TRP A 10 -1.78 5.23 7.21
N PRO A 11 -1.51 6.43 6.65
CA PRO A 11 -0.52 7.34 7.22
C PRO A 11 -0.51 7.56 8.73
N PRO A 12 -1.67 7.87 9.31
CA PRO A 12 -1.67 8.09 10.76
C PRO A 12 -1.18 6.87 11.54
N ALA A 13 -1.60 5.69 11.12
CA ALA A 13 -1.20 4.46 11.80
C ALA A 13 0.30 4.23 11.64
N VAL A 14 0.80 4.41 10.42
CA VAL A 14 2.22 4.22 10.17
C VAL A 14 3.01 5.18 11.06
N CYS A 15 2.54 6.42 11.11
CA CYS A 15 3.20 7.43 11.93
C CYS A 15 2.98 7.25 13.43
N SER A 16 1.94 6.50 13.79
CA SER A 16 1.65 6.29 15.21
C SER A 16 2.76 5.48 15.88
N PHE A 17 3.59 4.83 15.08
CA PHE A 17 4.69 4.03 15.61
C PHE A 17 5.93 4.89 15.81
N GLN A 18 5.90 6.11 15.28
CA GLN A 18 7.01 7.04 15.44
C GLN A 18 6.66 7.83 16.69
N LYS A 19 7.17 7.38 17.84
CA LYS A 19 6.88 8.01 19.12
C LYS A 19 7.50 9.39 19.33
N SER A 20 8.40 9.78 18.45
CA SER A 20 9.05 11.08 18.56
C SER A 20 9.36 11.65 17.19
N GLY A 21 9.46 12.97 17.10
CA GLY A 21 9.77 13.60 15.83
C GLY A 21 8.59 13.79 14.90
N SER A 22 8.82 14.56 13.84
CA SER A 22 7.79 14.86 12.87
C SER A 22 7.48 13.64 12.01
N CYS A 23 6.24 13.59 11.52
CA CYS A 23 5.80 12.49 10.68
C CYS A 23 4.56 12.99 9.97
N PRO A 24 4.71 13.41 8.69
CA PRO A 24 3.63 13.94 7.85
C PRO A 24 2.36 13.09 7.83
N GLY A 25 2.53 11.78 7.93
CA GLY A 25 1.39 10.88 7.90
C GLY A 25 0.38 11.14 8.99
N SER A 26 0.83 11.73 10.09
CA SER A 26 -0.07 12.02 11.20
C SER A 26 -1.23 12.92 10.79
N GLY A 27 -1.03 13.77 9.79
CA GLY A 27 -2.09 14.66 9.36
C GLY A 27 -2.72 14.28 8.04
N LEU A 28 -2.45 13.07 7.57
CA LEU A 28 -2.99 12.63 6.28
C LEU A 28 -3.98 11.50 6.44
N ARG A 29 -5.25 11.87 6.52
CA ARG A 29 -6.35 10.92 6.70
C ARG A 29 -6.86 10.32 5.40
N THR A 30 -5.96 9.67 4.66
CA THR A 30 -6.33 9.04 3.41
C THR A 30 -5.31 7.93 3.16
N PHE A 31 -5.75 6.81 2.62
CA PHE A 31 -4.80 5.74 2.33
C PHE A 31 -3.92 6.21 1.20
N THR A 32 -2.63 5.96 1.34
CA THR A 32 -1.69 6.36 0.31
C THR A 32 -0.90 5.14 -0.10
N ILE A 33 -0.18 5.26 -1.21
CA ILE A 33 0.59 4.15 -1.71
C ILE A 33 1.89 3.93 -0.96
N HIS A 34 2.12 2.71 -0.51
CA HIS A 34 3.40 2.41 0.09
C HIS A 34 4.22 1.94 -1.11
N GLY A 35 3.70 0.95 -1.82
CA GLY A 35 4.41 0.48 -2.99
C GLY A 35 3.64 -0.57 -3.75
N LEU A 36 4.19 -0.93 -4.91
CA LEU A 36 3.62 -1.94 -5.78
C LEU A 36 4.71 -2.99 -5.78
N TRP A 37 4.43 -4.12 -5.16
CA TRP A 37 5.43 -5.16 -5.00
C TRP A 37 5.24 -6.39 -5.85
N PRO A 38 6.11 -6.59 -6.84
CA PRO A 38 5.98 -7.78 -7.68
C PRO A 38 6.19 -9.01 -6.83
N GLN A 39 5.47 -10.07 -7.17
CA GLN A 39 5.54 -11.34 -6.46
C GLN A 39 5.88 -12.45 -7.43
N GLN A 40 6.38 -13.55 -6.90
CA GLN A 40 6.73 -14.71 -7.71
C GLN A 40 6.54 -15.94 -6.83
N SER A 41 5.66 -16.84 -7.26
CA SER A 41 5.41 -18.08 -6.52
C SER A 41 5.16 -17.85 -5.03
N GLY A 42 4.27 -16.91 -4.71
CA GLY A 42 3.95 -16.64 -3.31
C GLY A 42 4.98 -15.88 -2.49
N THR A 43 5.93 -15.23 -3.16
CA THR A 43 6.95 -14.47 -2.43
C THR A 43 7.27 -13.16 -3.12
N SER A 44 7.67 -12.16 -2.34
CA SER A 44 8.01 -10.86 -2.87
C SER A 44 9.35 -10.87 -3.59
N LEU A 45 9.37 -10.29 -4.78
CA LEU A 45 10.59 -10.20 -5.57
C LEU A 45 11.18 -8.84 -5.30
N THR A 46 12.39 -8.79 -4.78
CA THR A 46 13.02 -7.52 -4.47
C THR A 46 14.43 -7.35 -4.99
N ASN A 47 14.84 -6.09 -5.10
CA ASN A 47 16.16 -5.70 -5.56
C ASN A 47 16.63 -6.41 -6.80
N CYS A 48 15.80 -6.41 -7.83
CA CYS A 48 16.15 -7.05 -9.09
C CYS A 48 17.03 -6.13 -9.89
N PRO A 49 17.93 -6.71 -10.71
CA PRO A 49 18.80 -5.86 -11.50
C PRO A 49 17.90 -5.13 -12.49
N GLY A 50 17.96 -3.81 -12.48
CA GLY A 50 17.12 -3.05 -13.39
C GLY A 50 17.66 -1.66 -13.59
N SER A 51 16.85 -0.81 -14.22
CA SER A 51 17.25 0.55 -14.47
C SER A 51 17.30 1.36 -13.20
N PRO A 52 18.28 2.26 -13.09
CA PRO A 52 18.35 3.07 -11.87
C PRO A 52 17.11 3.96 -11.87
N PHE A 53 16.67 4.39 -10.70
CA PHE A 53 15.51 5.25 -10.63
C PHE A 53 15.83 6.54 -11.40
N ASP A 54 14.90 6.99 -12.21
CA ASP A 54 15.08 8.20 -12.99
C ASP A 54 13.87 9.08 -12.75
N ILE A 55 14.06 10.13 -11.95
CA ILE A 55 12.96 11.03 -11.63
C ILE A 55 12.30 11.67 -12.85
N THR A 56 13.05 11.88 -13.92
CA THR A 56 12.49 12.51 -15.12
C THR A 56 11.44 11.64 -15.79
N LYS A 57 11.50 10.34 -15.54
CA LYS A 57 10.55 9.42 -16.16
C LYS A 57 9.14 9.53 -15.57
N ILE A 58 9.01 10.18 -14.42
CA ILE A 58 7.70 10.30 -13.81
C ILE A 58 7.26 11.75 -13.51
N SER A 59 7.86 12.70 -14.21
CA SER A 59 7.50 14.10 -14.01
C SER A 59 6.03 14.27 -14.36
N HIS A 60 5.56 13.51 -15.34
CA HIS A 60 4.16 13.60 -15.77
C HIS A 60 3.18 13.04 -14.74
N LEU A 61 3.69 12.31 -13.75
CA LEU A 61 2.84 11.75 -12.71
C LEU A 61 3.15 12.38 -11.36
N GLN A 62 4.16 13.25 -11.36
CA GLN A 62 4.61 13.89 -10.14
C GLN A 62 3.55 14.49 -9.23
N SER A 63 2.66 15.32 -9.79
CA SER A 63 1.63 15.93 -8.97
C SER A 63 0.72 14.86 -8.35
N GLN A 64 0.35 13.87 -9.15
CA GLN A 64 -0.50 12.80 -8.66
C GLN A 64 0.23 12.00 -7.59
N LEU A 65 1.50 11.71 -7.82
CA LEU A 65 2.30 10.97 -6.86
C LEU A 65 2.47 11.71 -5.55
N ASN A 66 2.54 13.04 -5.60
CA ASN A 66 2.69 13.81 -4.38
C ASN A 66 1.46 13.60 -3.49
N THR A 67 0.32 13.41 -4.12
CA THR A 67 -0.92 13.21 -3.38
C THR A 67 -1.19 11.75 -3.04
N LEU A 68 -0.95 10.88 -4.01
CA LEU A 68 -1.22 9.46 -3.81
C LEU A 68 -0.09 8.64 -3.24
N TRP A 69 1.14 9.09 -3.42
CA TRP A 69 2.29 8.36 -2.95
C TRP A 69 3.26 9.23 -2.16
N PRO A 70 2.75 9.97 -1.18
CA PRO A 70 3.68 10.81 -0.42
C PRO A 70 4.51 9.96 0.52
N ASN A 71 5.66 10.48 0.90
CA ASN A 71 6.49 9.81 1.89
C ASN A 71 5.82 10.29 3.17
N VAL A 72 5.22 9.39 3.93
CA VAL A 72 4.53 9.80 5.14
C VAL A 72 5.41 9.90 6.37
N LEU A 73 6.65 9.42 6.27
CA LEU A 73 7.57 9.46 7.39
C LEU A 73 8.39 10.73 7.44
N ARG A 74 8.66 11.29 6.26
CA ARG A 74 9.44 12.52 6.17
C ARG A 74 9.11 13.19 4.85
N ALA A 75 9.31 14.51 4.80
CA ALA A 75 9.01 15.29 3.61
C ALA A 75 10.01 15.09 2.47
N ASN A 76 10.09 13.87 1.96
CA ASN A 76 10.97 13.56 0.85
C ASN A 76 10.34 12.46 0.02
N ASN A 77 9.44 12.85 -0.88
CA ASN A 77 8.75 11.88 -1.72
C ASN A 77 9.66 11.13 -2.68
N GLN A 78 10.54 11.86 -3.36
CA GLN A 78 11.44 11.23 -4.32
C GLN A 78 12.26 10.10 -3.73
N GLN A 79 12.79 10.30 -2.52
CA GLN A 79 13.59 9.27 -1.89
C GLN A 79 12.77 7.99 -1.72
N PHE A 80 11.51 8.17 -1.37
CA PHE A 80 10.61 7.04 -1.17
C PHE A 80 10.30 6.37 -2.50
N TRP A 81 9.99 7.16 -3.53
CA TRP A 81 9.69 6.59 -4.84
C TRP A 81 10.91 5.85 -5.37
N SER A 82 12.08 6.44 -5.21
CA SER A 82 13.31 5.83 -5.68
C SER A 82 13.53 4.50 -4.96
N HIS A 83 13.33 4.50 -3.65
CA HIS A 83 13.51 3.29 -2.88
C HIS A 83 12.55 2.20 -3.35
N GLU A 84 11.29 2.56 -3.52
CA GLU A 84 10.29 1.59 -3.95
C GLU A 84 10.57 1.09 -5.36
N TRP A 85 11.05 1.97 -6.23
CA TRP A 85 11.37 1.55 -7.58
C TRP A 85 12.53 0.55 -7.55
N THR A 86 13.61 0.93 -6.89
CA THR A 86 14.80 0.11 -6.82
C THR A 86 14.56 -1.24 -6.14
N LYS A 87 13.85 -1.21 -5.03
CA LYS A 87 13.62 -2.44 -4.30
C LYS A 87 12.51 -3.32 -4.88
N HIS A 88 11.50 -2.70 -5.48
CA HIS A 88 10.38 -3.46 -6.01
C HIS A 88 10.11 -3.32 -7.50
N GLY A 89 10.00 -2.07 -7.96
CA GLY A 89 9.72 -1.81 -9.36
C GLY A 89 10.62 -2.50 -10.36
N THR A 90 11.90 -2.57 -10.05
CA THR A 90 12.85 -3.21 -10.95
C THR A 90 12.44 -4.66 -11.21
N CYS A 91 11.77 -5.26 -10.23
CA CYS A 91 11.36 -6.64 -10.37
C CYS A 91 10.22 -6.90 -11.34
N SER A 92 9.59 -5.85 -11.82
CA SER A 92 8.53 -6.02 -12.82
C SER A 92 8.90 -5.20 -14.05
N GLU A 93 10.15 -4.74 -14.10
CA GLU A 93 10.59 -3.93 -15.23
C GLU A 93 10.62 -4.69 -16.55
N SER A 94 10.55 -6.01 -16.48
CA SER A 94 10.55 -6.80 -17.70
C SER A 94 9.35 -6.41 -18.56
N THR A 95 8.26 -6.02 -17.92
CA THR A 95 7.06 -5.62 -18.66
C THR A 95 6.57 -4.22 -18.33
N PHE A 96 7.03 -3.67 -17.21
CA PHE A 96 6.61 -2.33 -16.83
C PHE A 96 7.80 -1.42 -16.60
N ASN A 97 8.04 -0.49 -17.53
CA ASN A 97 9.14 0.42 -17.33
C ASN A 97 8.77 1.32 -16.16
N GLN A 98 9.70 2.12 -15.69
CA GLN A 98 9.44 2.97 -14.54
C GLN A 98 8.16 3.80 -14.64
N ALA A 99 7.98 4.47 -15.77
CA ALA A 99 6.80 5.30 -15.96
C ALA A 99 5.52 4.47 -15.87
N ALA A 100 5.52 3.31 -16.51
CA ALA A 100 4.36 2.44 -16.50
C ALA A 100 4.09 1.89 -15.11
N TYR A 101 5.16 1.63 -14.36
CA TYR A 101 5.06 1.10 -13.02
C TYR A 101 4.38 2.11 -12.10
N PHE A 102 4.86 3.35 -12.12
CA PHE A 102 4.25 4.35 -11.28
C PHE A 102 2.83 4.66 -11.73
N LYS A 103 2.59 4.56 -13.04
CA LYS A 103 1.24 4.80 -13.55
C LYS A 103 0.33 3.68 -13.05
N LEU A 104 0.84 2.46 -13.01
CA LEU A 104 0.05 1.34 -12.52
C LEU A 104 -0.39 1.64 -11.10
N ALA A 105 0.57 2.06 -10.28
CA ALA A 105 0.30 2.36 -8.88
C ALA A 105 -0.75 3.47 -8.74
N VAL A 106 -0.62 4.50 -9.55
CA VAL A 106 -1.56 5.60 -9.52
C VAL A 106 -2.95 5.12 -9.90
N ASP A 107 -3.04 4.37 -10.99
CA ASP A 107 -4.32 3.86 -11.43
C ASP A 107 -4.92 2.92 -10.40
N MET A 108 -4.09 2.07 -9.82
CA MET A 108 -4.57 1.14 -8.81
C MET A 108 -5.13 1.92 -7.64
N ARG A 109 -4.41 2.95 -7.21
CA ARG A 109 -4.88 3.76 -6.09
C ARG A 109 -6.20 4.41 -6.43
N ASN A 110 -6.31 4.95 -7.64
CA ASN A 110 -7.55 5.61 -8.04
C ASN A 110 -8.70 4.64 -8.23
N ASN A 111 -8.40 3.34 -8.31
CA ASN A 111 -9.43 2.34 -8.49
C ASN A 111 -9.63 1.46 -7.26
N TYR A 112 -8.94 1.79 -6.18
CA TYR A 112 -9.08 1.01 -4.96
C TYR A 112 -9.22 1.96 -3.78
N ASP A 113 -10.41 2.53 -3.65
CA ASP A 113 -10.72 3.46 -2.59
C ASP A 113 -11.17 2.68 -1.35
N ILE A 114 -10.23 2.44 -0.45
CA ILE A 114 -10.50 1.70 0.77
C ILE A 114 -11.49 2.39 1.70
N ILE A 115 -11.23 3.66 2.01
CA ILE A 115 -12.12 4.41 2.89
C ILE A 115 -13.52 4.45 2.30
N GLY A 116 -13.61 4.70 1.00
CA GLY A 116 -14.90 4.75 0.34
C GLY A 116 -15.63 3.44 0.44
N ALA A 117 -14.87 2.34 0.44
CA ALA A 117 -15.46 1.02 0.53
C ALA A 117 -15.89 0.67 1.96
N LEU A 118 -15.19 1.22 2.93
CA LEU A 118 -15.50 0.94 4.33
C LEU A 118 -16.54 1.88 4.93
N ARG A 119 -16.62 3.10 4.41
CA ARG A 119 -17.57 4.09 4.92
C ARG A 119 -19.01 3.59 5.04
N PRO A 120 -19.55 2.99 3.96
CA PRO A 120 -20.92 2.50 3.99
C PRO A 120 -21.20 1.52 5.14
N HIS A 121 -20.14 0.87 5.61
CA HIS A 121 -20.25 -0.09 6.70
C HIS A 121 -19.80 0.50 8.02
N ALA A 122 -19.59 1.81 8.05
CA ALA A 122 -19.14 2.50 9.25
C ALA A 122 -17.88 1.80 9.76
N ALA A 123 -17.09 1.28 8.82
CA ALA A 123 -15.87 0.57 9.15
C ALA A 123 -14.62 1.39 8.90
N GLY A 124 -14.79 2.70 8.81
CA GLY A 124 -13.66 3.58 8.60
C GLY A 124 -12.80 3.66 9.85
N PRO A 125 -11.62 4.28 9.77
CA PRO A 125 -10.75 4.40 10.94
C PRO A 125 -11.33 5.29 12.02
N ASN A 126 -11.35 4.78 13.25
CA ASN A 126 -11.88 5.55 14.36
C ASN A 126 -11.17 5.19 15.66
N GLY A 127 -10.02 4.53 15.53
CA GLY A 127 -9.25 4.14 16.69
C GLY A 127 -9.85 3.04 17.53
N ARG A 128 -10.87 2.37 16.99
CA ARG A 128 -11.51 1.29 17.71
C ARG A 128 -11.13 -0.06 17.13
N THR A 129 -11.44 -1.11 17.87
CA THR A 129 -11.13 -2.47 17.45
C THR A 129 -11.97 -2.93 16.27
N LYS A 130 -11.30 -3.45 15.25
CA LYS A 130 -11.95 -3.95 14.05
C LYS A 130 -11.65 -5.43 13.88
N SER A 131 -12.52 -6.09 13.14
CA SER A 131 -12.36 -7.51 12.84
C SER A 131 -11.68 -7.67 11.50
N ARG A 132 -10.62 -8.46 11.47
CA ARG A 132 -9.89 -8.71 10.23
C ARG A 132 -10.85 -9.29 9.20
N GLN A 133 -11.65 -10.25 9.65
CA GLN A 133 -12.61 -10.92 8.79
C GLN A 133 -13.65 -9.94 8.24
N ALA A 134 -14.15 -9.06 9.11
CA ALA A 134 -15.15 -8.09 8.69
C ALA A 134 -14.60 -7.14 7.64
N ILE A 135 -13.43 -6.58 7.92
CA ILE A 135 -12.80 -5.64 7.01
C ILE A 135 -12.51 -6.31 5.67
N LYS A 136 -11.95 -7.51 5.72
CA LYS A 136 -11.66 -8.21 4.48
C LYS A 136 -12.96 -8.49 3.74
N GLY A 137 -14.01 -8.80 4.49
CA GLY A 137 -15.31 -9.07 3.89
C GLY A 137 -15.89 -7.86 3.20
N PHE A 138 -15.76 -6.68 3.82
CA PHE A 138 -16.29 -5.46 3.23
C PHE A 138 -15.57 -5.17 1.92
N LEU A 139 -14.26 -5.33 1.92
CA LEU A 139 -13.47 -5.08 0.73
C LEU A 139 -13.71 -6.15 -0.33
N LYS A 140 -13.92 -7.39 0.12
CA LYS A 140 -14.20 -8.49 -0.80
C LYS A 140 -15.52 -8.19 -1.52
N ALA A 141 -16.49 -7.69 -0.77
CA ALA A 141 -17.80 -7.37 -1.34
C ALA A 141 -17.72 -6.20 -2.32
N LYS A 142 -16.97 -5.16 -1.94
CA LYS A 142 -16.85 -3.99 -2.78
C LYS A 142 -16.00 -4.21 -4.04
N PHE A 143 -14.87 -4.89 -3.89
CA PHE A 143 -13.98 -5.12 -5.02
C PHE A 143 -14.02 -6.50 -5.64
N GLY A 144 -14.72 -7.42 -5.01
CA GLY A 144 -14.82 -8.77 -5.56
C GLY A 144 -13.69 -9.71 -5.18
N LYS A 145 -12.66 -9.19 -4.53
CA LYS A 145 -11.52 -10.00 -4.15
C LYS A 145 -11.07 -9.65 -2.75
N PHE A 146 -10.51 -10.61 -2.04
CA PHE A 146 -10.05 -10.37 -0.69
C PHE A 146 -8.78 -9.55 -0.68
N PRO A 147 -8.70 -8.58 0.23
CA PRO A 147 -7.51 -7.75 0.32
C PRO A 147 -6.60 -8.47 1.31
N GLY A 148 -5.39 -7.97 1.45
CA GLY A 148 -4.46 -8.51 2.42
C GLY A 148 -4.41 -7.43 3.49
N LEU A 149 -4.48 -7.81 4.75
CA LEU A 149 -4.43 -6.82 5.81
C LEU A 149 -3.15 -6.95 6.59
N ARG A 150 -2.42 -5.86 6.71
CA ARG A 150 -1.15 -5.86 7.40
C ARG A 150 -1.20 -4.97 8.62
N CYS A 151 -0.72 -5.52 9.71
CA CYS A 151 -0.73 -4.84 11.00
C CYS A 151 0.64 -4.76 11.61
N ARG A 152 0.78 -3.88 12.58
CA ARG A 152 2.02 -3.73 13.31
C ARG A 152 1.61 -3.63 14.76
N THR A 153 2.38 -4.25 15.63
CA THR A 153 2.08 -4.25 17.05
C THR A 153 2.94 -3.29 17.84
N ASP A 154 2.29 -2.56 18.74
CA ASP A 154 2.97 -1.63 19.62
C ASP A 154 3.66 -2.55 20.62
N PRO A 155 5.00 -2.58 20.63
CA PRO A 155 5.78 -3.44 21.53
C PRO A 155 5.47 -3.25 23.02
N GLN A 156 5.10 -2.04 23.41
CA GLN A 156 4.79 -1.75 24.81
C GLN A 156 3.42 -2.19 25.26
N THR A 157 2.42 -2.03 24.39
CA THR A 157 1.05 -2.38 24.75
C THR A 157 0.57 -3.70 24.18
N LYS A 158 1.25 -4.18 23.15
CA LYS A 158 0.89 -5.43 22.48
C LYS A 158 -0.35 -5.22 21.62
N VAL A 159 -0.77 -3.97 21.47
CA VAL A 159 -1.93 -3.65 20.67
C VAL A 159 -1.54 -3.64 19.19
N SER A 160 -2.34 -4.33 18.39
CA SER A 160 -2.11 -4.43 16.96
C SER A 160 -2.88 -3.36 16.21
N TYR A 161 -2.22 -2.69 15.28
CA TYR A 161 -2.84 -1.64 14.48
C TYR A 161 -2.78 -1.96 13.01
N LEU A 162 -3.88 -1.71 12.31
CA LEU A 162 -3.89 -1.92 10.87
C LEU A 162 -3.03 -0.81 10.30
N VAL A 163 -2.05 -1.18 9.48
CA VAL A 163 -1.19 -0.16 8.88
C VAL A 163 -1.27 -0.18 7.36
N GLN A 164 -1.55 -1.34 6.78
CA GLN A 164 -1.61 -1.44 5.34
C GLN A 164 -2.69 -2.37 4.84
N VAL A 165 -3.18 -2.06 3.65
CA VAL A 165 -4.19 -2.86 3.00
C VAL A 165 -3.61 -3.17 1.64
N VAL A 166 -3.57 -4.45 1.32
CA VAL A 166 -3.02 -4.90 0.06
C VAL A 166 -4.12 -5.31 -0.90
N ALA A 167 -3.99 -4.87 -2.14
CA ALA A 167 -4.90 -5.28 -3.20
C ALA A 167 -3.98 -6.11 -4.07
N CYS A 168 -4.33 -7.37 -4.29
CA CYS A 168 -3.51 -8.26 -5.10
C CYS A 168 -3.95 -8.23 -6.55
N PHE A 169 -2.99 -8.19 -7.45
CA PHE A 169 -3.27 -8.15 -8.88
C PHE A 169 -2.47 -9.21 -9.63
N ALA A 170 -3.01 -9.62 -10.76
CA ALA A 170 -2.34 -10.59 -11.60
C ALA A 170 -1.18 -9.86 -12.25
N GLN A 171 -0.33 -10.59 -12.98
CA GLN A 171 0.82 -9.99 -13.63
C GLN A 171 0.48 -8.88 -14.62
N ASP A 172 -0.77 -8.83 -15.08
CA ASP A 172 -1.16 -7.79 -16.03
C ASP A 172 -1.30 -6.43 -15.34
N GLY A 173 -1.24 -6.44 -14.01
CA GLY A 173 -1.36 -5.21 -13.24
C GLY A 173 -2.74 -4.59 -13.29
N SER A 174 -3.72 -5.34 -13.78
CA SER A 174 -5.08 -4.84 -13.88
C SER A 174 -6.13 -5.78 -13.33
N THR A 175 -5.87 -7.09 -13.41
CA THR A 175 -6.82 -8.06 -12.91
C THR A 175 -6.67 -8.26 -11.42
N LEU A 176 -7.65 -7.80 -10.66
CA LEU A 176 -7.62 -7.94 -9.22
C LEU A 176 -7.79 -9.42 -8.91
N ILE A 177 -7.00 -9.91 -7.96
CA ILE A 177 -7.10 -11.31 -7.57
C ILE A 177 -7.20 -11.34 -6.05
N ASP A 178 -7.60 -12.47 -5.50
CA ASP A 178 -7.70 -12.57 -4.06
C ASP A 178 -6.34 -12.58 -3.42
N CYS A 179 -6.21 -11.86 -2.32
CA CYS A 179 -4.99 -11.88 -1.56
C CYS A 179 -5.26 -13.01 -0.57
N THR A 180 -4.22 -13.54 0.03
CA THR A 180 -4.40 -14.61 1.01
C THR A 180 -3.51 -14.40 2.22
N ARG A 181 -2.52 -13.52 2.09
CA ARG A 181 -1.58 -13.27 3.18
C ARG A 181 -1.81 -12.00 3.98
N ASP A 182 -2.07 -12.19 5.27
CA ASP A 182 -2.28 -11.07 6.18
C ASP A 182 -1.22 -11.16 7.27
N THR A 183 -0.88 -10.03 7.87
CA THR A 183 0.05 -10.07 8.99
C THR A 183 -0.79 -9.70 10.21
N CYS A 184 -2.04 -9.28 9.96
CA CYS A 184 -2.96 -8.93 11.03
C CYS A 184 -3.54 -10.16 11.67
N GLY A 185 -3.82 -10.06 12.97
CA GLY A 185 -4.45 -11.15 13.68
C GLY A 185 -5.95 -10.96 13.47
N ALA A 186 -6.75 -11.69 14.24
CA ALA A 186 -8.20 -11.60 14.10
C ALA A 186 -8.77 -10.21 14.35
N ASN A 187 -8.13 -9.46 15.23
CA ASN A 187 -8.58 -8.11 15.55
C ASN A 187 -7.42 -7.14 15.55
N PHE A 188 -7.74 -5.86 15.40
CA PHE A 188 -6.73 -4.82 15.39
C PHE A 188 -7.42 -3.48 15.50
N ILE A 189 -6.64 -2.46 15.82
CA ILE A 189 -7.18 -1.14 15.93
C ILE A 189 -7.09 -0.43 14.59
N PHE A 190 -8.17 0.26 14.24
CA PHE A 190 -8.21 1.03 13.02
C PHE A 190 -9.13 2.22 13.25
#